data_7HRJ
#
_entry.id   7HRJ
#
_cell.length_a   98.998
_cell.length_b   98.998
_cell.length_c   128.331
_cell.angle_alpha   90.00
_cell.angle_beta   90.00
_cell.angle_gamma   90.00
#
_symmetry.space_group_name_H-M   'I 2 2 2'
#
loop_
_entity.id
_entity.type
_entity.pdbx_description
1 polymer 'Oleoyl-acyl carrier protein thioesterase 1, chloroplastic'
2 non-polymer '5-methyl-3-phenyl-1,2-oxazole-4-carboxylic acid'
3 non-polymer 'SULFATE ION'
4 water water
#
_entity_poly.entity_id   1
_entity_poly.type   'polypeptide(L)'
_entity_poly.pdbx_seq_one_letter_code
;MGSLTEDGLSYKEKFVVRSYEVGSNKTATVETIANLLQEVGCNHAQSVGFSTDGFATTTTMRKLHLIWVTARMHIEIYKY
PAWGDVVEIETWCQSEGRIGTRRDWILKDSVTGEVTGRATSKWVMMNQDTRRLQKVSDDVRDEYLVFCPQEPRLAFPEEN
NRSLKKIPKLEDPAQYSMIGLKPRRADLDMNQHVNNVTYIGWVLESIPQEIVDTHELQVITLDYRRECQQDDVVDSLTTT
TSEIGGTNGSATSGTQGHNDSQFLHLLRLSGDGQEINRGTTLWRKKPSSHHHHHH
;
_entity_poly.pdbx_strand_id   A,B
#
loop_
_chem_comp.id
_chem_comp.type
_chem_comp.name
_chem_comp.formula
MOK non-polymer '5-methyl-3-phenyl-1,2-oxazole-4-carboxylic acid' 'C11 H9 N O3'
SO4 non-polymer 'SULFATE ION' 'O4 S -2'
#
# COMPACT_ATOMS: atom_id res chain seq x y z
N GLY A 2 -11.15 15.25 7.17
CA GLY A 2 -10.04 16.14 7.44
C GLY A 2 -10.42 17.60 7.31
N SER A 3 -9.71 18.48 8.02
CA SER A 3 -10.01 19.91 7.95
C SER A 3 -8.91 20.77 8.53
N LEU A 4 -8.78 22.00 8.01
CA LEU A 4 -7.89 23.02 8.58
C LEU A 4 -8.42 23.38 9.98
N THR A 5 -7.52 23.71 10.91
CA THR A 5 -7.88 24.15 12.25
C THR A 5 -8.48 25.58 12.21
N GLU A 6 -8.99 26.08 13.35
CA GLU A 6 -9.63 27.39 13.46
C GLU A 6 -8.82 28.54 12.83
N ASP A 7 -7.51 28.59 13.07
CA ASP A 7 -6.69 29.67 12.53
C ASP A 7 -6.27 29.49 11.05
N GLY A 8 -6.58 28.33 10.47
CA GLY A 8 -6.23 28.02 9.09
C GLY A 8 -4.74 27.82 8.86
N LEU A 9 -3.95 27.62 9.95
CA LEU A 9 -2.49 27.49 9.87
C LEU A 9 -1.94 26.06 10.08
N SER A 10 -2.83 25.06 10.17
CA SER A 10 -2.49 23.65 10.28
C SER A 10 -3.70 22.80 9.87
N TYR A 11 -3.49 21.50 9.62
CA TYR A 11 -4.55 20.62 9.14
C TYR A 11 -4.63 19.34 9.95
N LYS A 12 -5.84 18.85 10.24
CA LYS A 12 -6.03 17.59 10.98
C LYS A 12 -6.85 16.60 10.18
N GLU A 13 -6.57 15.31 10.37
CA GLU A 13 -7.32 14.24 9.72
C GLU A 13 -7.26 12.97 10.57
N LYS A 14 -8.39 12.25 10.66
CA LYS A 14 -8.47 11.00 11.37
C LYS A 14 -8.43 9.83 10.39
N PHE A 15 -7.75 8.74 10.77
CA PHE A 15 -7.65 7.55 9.92
C PHE A 15 -7.97 6.32 10.76
N VAL A 16 -8.74 5.38 10.20
CA VAL A 16 -9.00 4.11 10.87
C VAL A 16 -7.94 3.16 10.32
N VAL A 17 -7.14 2.51 11.18
CA VAL A 17 -6.09 1.58 10.71
C VAL A 17 -6.72 0.33 10.02
N ARG A 18 -6.30 0.01 8.79
CA ARG A 18 -6.82 -1.09 7.97
C ARG A 18 -6.11 -2.43 8.13
N SER A 19 -6.83 -3.54 7.91
CA SER A 19 -6.32 -4.91 8.04
C SER A 19 -5.02 -5.17 7.26
N TYR A 20 -4.94 -4.68 6.01
CA TYR A 20 -3.73 -4.87 5.20
C TYR A 20 -2.58 -3.89 5.54
N GLU A 21 -2.86 -2.90 6.36
CA GLU A 21 -1.86 -1.91 6.78
C GLU A 21 -1.03 -2.33 8.01
N VAL A 22 -1.38 -3.48 8.64
CA VAL A 22 -0.70 -3.93 9.85
C VAL A 22 0.27 -5.08 9.62
N GLY A 23 1.28 -5.15 10.48
CA GLY A 23 2.30 -6.19 10.49
C GLY A 23 1.97 -7.35 11.43
N SER A 24 3.00 -8.13 11.80
N SER A 24 3.00 -8.15 11.79
N SER A 24 3.00 -8.13 11.80
CA SER A 24 2.91 -9.32 12.65
CA SER A 24 2.89 -9.33 12.64
CA SER A 24 2.91 -9.32 12.65
C SER A 24 2.31 -9.06 14.03
C SER A 24 2.32 -9.07 14.04
C SER A 24 2.31 -9.06 14.03
N ASN A 25 2.55 -7.88 14.57
CA ASN A 25 2.04 -7.48 15.90
C ASN A 25 0.61 -6.87 15.86
N LYS A 26 -0.06 -6.93 14.70
CA LYS A 26 -1.39 -6.36 14.47
C LYS A 26 -1.44 -4.84 14.71
N THR A 27 -0.30 -4.16 14.49
CA THR A 27 -0.20 -2.70 14.56
C THR A 27 0.32 -2.15 13.20
N ALA A 28 0.02 -0.88 12.90
CA ALA A 28 0.42 -0.26 11.64
C ALA A 28 1.92 -0.27 11.46
N THR A 29 2.39 -0.61 10.25
CA THR A 29 3.81 -0.61 9.96
C THR A 29 4.29 0.85 9.84
N VAL A 30 5.61 1.06 9.85
CA VAL A 30 6.16 2.41 9.67
C VAL A 30 5.86 2.92 8.25
N GLU A 31 5.72 2.01 7.26
CA GLU A 31 5.38 2.42 5.89
C GLU A 31 3.92 2.83 5.78
N THR A 32 3.01 2.23 6.60
CA THR A 32 1.63 2.67 6.63
C THR A 32 1.59 4.08 7.23
N ILE A 33 2.31 4.32 8.34
CA ILE A 33 2.36 5.63 8.98
C ILE A 33 2.86 6.68 7.98
N ALA A 34 3.97 6.38 7.26
CA ALA A 34 4.60 7.24 6.28
C ALA A 34 3.65 7.60 5.13
N ASN A 35 2.79 6.64 4.69
CA ASN A 35 1.77 6.83 3.68
C ASN A 35 0.72 7.80 4.22
N LEU A 36 0.33 7.68 5.50
CA LEU A 36 -0.64 8.58 6.14
C LEU A 36 -0.10 10.02 6.27
N LEU A 37 1.22 10.17 6.52
CA LEU A 37 1.83 11.50 6.57
C LEU A 37 1.72 12.18 5.19
N GLN A 38 1.94 11.40 4.11
CA GLN A 38 1.87 11.98 2.79
C GLN A 38 0.41 12.28 2.41
N GLU A 39 -0.58 11.45 2.83
CA GLU A 39 -2.00 11.74 2.62
C GLU A 39 -2.48 13.03 3.35
N VAL A 40 -2.12 13.18 4.63
CA VAL A 40 -2.53 14.37 5.37
C VAL A 40 -1.79 15.64 4.80
N GLY A 41 -0.57 15.46 4.31
CA GLY A 41 0.20 16.53 3.68
C GLY A 41 -0.47 17.01 2.39
N CYS A 42 -0.91 16.08 1.53
N CYS A 42 -0.91 16.08 1.53
N CYS A 42 -0.91 16.08 1.53
CA CYS A 42 -1.59 16.43 0.29
CA CYS A 42 -1.59 16.43 0.29
CA CYS A 42 -1.59 16.43 0.29
C CYS A 42 -2.93 17.08 0.55
C CYS A 42 -2.93 17.08 0.55
C CYS A 42 -2.93 17.08 0.55
N ASN A 43 -3.71 16.58 1.52
CA ASN A 43 -5.01 17.18 1.86
C ASN A 43 -4.85 18.59 2.46
N HIS A 44 -3.78 18.85 3.22
CA HIS A 44 -3.49 20.19 3.74
C HIS A 44 -3.25 21.16 2.54
N ALA A 45 -2.36 20.79 1.58
CA ALA A 45 -2.08 21.60 0.40
C ALA A 45 -3.33 21.85 -0.45
N GLN A 46 -4.19 20.83 -0.62
CA GLN A 46 -5.43 20.99 -1.39
C GLN A 46 -6.36 21.98 -0.68
N SER A 47 -6.49 21.85 0.64
N SER A 47 -6.50 21.86 0.65
N SER A 47 -6.49 21.85 0.64
CA SER A 47 -7.36 22.70 1.45
CA SER A 47 -7.38 22.71 1.43
CA SER A 47 -7.36 22.70 1.45
C SER A 47 -6.99 24.17 1.43
C SER A 47 -7.00 24.18 1.41
C SER A 47 -6.99 24.17 1.43
N VAL A 48 -5.74 24.51 1.10
CA VAL A 48 -5.30 25.91 1.07
C VAL A 48 -5.08 26.44 -0.35
N GLY A 49 -5.71 25.82 -1.35
CA GLY A 49 -5.68 26.34 -2.71
C GLY A 49 -4.75 25.72 -3.73
N PHE A 50 -3.83 24.85 -3.32
CA PHE A 50 -2.89 24.26 -4.27
C PHE A 50 -3.53 23.21 -5.19
N SER A 51 -3.04 23.16 -6.42
CA SER A 51 -3.50 22.23 -7.44
C SER A 51 -2.97 20.82 -7.22
N THR A 52 -3.61 19.85 -7.87
CA THR A 52 -3.24 18.44 -7.83
C THR A 52 -2.08 18.10 -8.80
N ASP A 53 -1.50 19.11 -9.52
CA ASP A 53 -0.39 18.85 -10.43
C ASP A 53 0.86 18.37 -9.64
N GLY A 54 1.53 19.29 -8.94
CA GLY A 54 2.65 18.95 -8.09
C GLY A 54 2.29 19.18 -6.63
N PHE A 55 3.16 18.73 -5.70
CA PHE A 55 2.87 18.93 -4.28
C PHE A 55 3.25 20.34 -3.83
N ALA A 56 2.25 21.12 -3.38
CA ALA A 56 2.37 22.51 -2.90
C ALA A 56 3.15 23.43 -3.84
N THR A 57 3.00 23.27 -5.16
CA THR A 57 3.68 24.14 -6.11
C THR A 57 2.90 25.44 -6.23
N THR A 58 3.55 26.55 -5.90
CA THR A 58 2.92 27.87 -5.97
C THR A 58 2.75 28.33 -7.44
N THR A 59 2.08 29.46 -7.67
CA THR A 59 1.87 29.99 -9.02
C THR A 59 3.20 30.30 -9.71
N THR A 60 4.11 30.98 -8.99
CA THR A 60 5.44 31.31 -9.53
C THR A 60 6.25 30.02 -9.79
N MET A 61 6.15 29.02 -8.89
CA MET A 61 6.89 27.77 -9.09
C MET A 61 6.47 27.07 -10.40
N ARG A 62 5.17 26.97 -10.67
CA ARG A 62 4.67 26.31 -11.86
C ARG A 62 5.17 26.96 -13.17
N LYS A 63 5.22 28.29 -13.18
CA LYS A 63 5.67 29.07 -14.33
C LYS A 63 7.18 28.84 -14.56
N LEU A 64 7.96 28.72 -13.47
CA LEU A 64 9.41 28.51 -13.58
C LEU A 64 9.81 27.03 -13.59
N HIS A 65 8.83 26.09 -13.69
CA HIS A 65 9.06 24.63 -13.67
C HIS A 65 9.81 24.21 -12.40
N LEU A 66 9.38 24.74 -11.26
CA LEU A 66 10.01 24.41 -9.97
C LEU A 66 9.09 23.53 -9.10
N ILE A 67 9.69 22.60 -8.33
CA ILE A 67 9.00 21.68 -7.42
C ILE A 67 9.70 21.59 -6.08
N TRP A 68 8.94 21.20 -5.06
CA TRP A 68 9.44 20.90 -3.74
C TRP A 68 9.82 19.43 -3.76
N VAL A 69 11.01 19.10 -3.29
CA VAL A 69 11.52 17.73 -3.23
C VAL A 69 11.98 17.42 -1.78
N THR A 70 11.70 16.20 -1.27
CA THR A 70 12.13 15.84 0.10
C THR A 70 13.66 15.62 0.15
N ALA A 71 14.34 16.27 1.09
CA ALA A 71 15.78 16.07 1.28
C ALA A 71 15.97 15.14 2.52
N ARG A 72 15.14 15.31 3.57
CA ARG A 72 15.25 14.48 4.76
C ARG A 72 13.88 14.21 5.37
N MET A 73 13.67 12.99 5.89
CA MET A 73 12.48 12.60 6.61
C MET A 73 12.93 12.03 7.97
N HIS A 74 12.33 12.48 9.06
CA HIS A 74 12.64 12.01 10.40
C HIS A 74 11.33 11.63 11.14
N ILE A 75 11.18 10.35 11.51
CA ILE A 75 9.98 9.85 12.18
C ILE A 75 10.32 9.17 13.49
N GLU A 76 9.57 9.52 14.56
CA GLU A 76 9.74 8.88 15.86
C GLU A 76 8.39 8.38 16.32
N ILE A 77 8.27 7.06 16.55
CA ILE A 77 7.01 6.43 16.98
C ILE A 77 7.10 5.85 18.39
N TYR A 78 6.24 6.30 19.32
CA TYR A 78 6.15 5.76 20.69
C TYR A 78 5.19 4.58 20.73
N LYS A 79 4.08 4.68 20.00
CA LYS A 79 3.09 3.60 19.96
C LYS A 79 2.50 3.49 18.56
N TYR A 80 2.56 2.31 17.95
CA TYR A 80 1.98 2.10 16.64
C TYR A 80 0.51 1.77 16.84
N PRO A 81 -0.40 2.47 16.15
CA PRO A 81 -1.84 2.19 16.35
C PRO A 81 -2.22 0.78 15.91
N ALA A 82 -3.13 0.14 16.66
CA ALA A 82 -3.57 -1.21 16.34
C ALA A 82 -4.61 -1.18 15.19
N TRP A 83 -4.78 -2.34 14.54
CA TRP A 83 -5.77 -2.57 13.50
C TRP A 83 -7.18 -2.23 14.04
N GLY A 84 -7.86 -1.29 13.39
CA GLY A 84 -9.19 -0.86 13.82
C GLY A 84 -9.19 0.39 14.69
N ASP A 85 -8.01 0.81 15.19
CA ASP A 85 -7.90 2.01 16.01
C ASP A 85 -7.95 3.29 15.15
N VAL A 86 -8.32 4.41 15.76
CA VAL A 86 -8.38 5.68 15.07
C VAL A 86 -7.16 6.53 15.46
N VAL A 87 -6.41 7.03 14.45
CA VAL A 87 -5.26 7.88 14.70
C VAL A 87 -5.52 9.29 14.11
N GLU A 88 -5.24 10.35 14.89
CA GLU A 88 -5.43 11.71 14.41
C GLU A 88 -4.07 12.35 14.12
N ILE A 89 -3.88 12.90 12.92
CA ILE A 89 -2.61 13.52 12.54
C ILE A 89 -2.78 15.00 12.22
N GLU A 90 -1.99 15.84 12.90
CA GLU A 90 -1.99 17.26 12.63
C GLU A 90 -0.68 17.61 11.86
N THR A 91 -0.79 18.37 10.79
CA THR A 91 0.37 18.76 10.00
C THR A 91 0.40 20.27 9.73
N TRP A 92 1.61 20.81 9.61
CA TRP A 92 1.83 22.21 9.31
C TRP A 92 3.17 22.40 8.60
N CYS A 93 3.32 23.53 7.90
N CYS A 93 3.32 23.57 7.96
N CYS A 93 3.32 23.53 7.90
CA CYS A 93 4.57 23.84 7.22
CA CYS A 93 4.51 23.98 7.22
CA CYS A 93 4.57 23.84 7.22
C CYS A 93 5.14 25.18 7.68
C CYS A 93 5.15 25.19 7.82
C CYS A 93 5.14 25.18 7.68
N GLN A 94 6.46 25.34 7.58
CA GLN A 94 7.15 26.54 8.01
C GLN A 94 8.27 26.91 7.02
N SER A 95 8.49 28.21 6.83
CA SER A 95 9.58 28.67 5.99
C SER A 95 10.89 28.54 6.77
N GLU A 96 11.95 28.11 6.11
CA GLU A 96 13.26 28.03 6.73
C GLU A 96 14.20 28.96 5.97
N GLY A 97 13.74 30.21 5.77
CA GLY A 97 14.48 31.21 5.03
C GLY A 97 14.65 30.81 3.58
N ARG A 98 15.80 31.12 3.01
CA ARG A 98 16.10 30.78 1.61
C ARG A 98 16.47 29.30 1.41
N ILE A 99 16.69 28.53 2.49
CA ILE A 99 17.09 27.13 2.37
C ILE A 99 15.99 26.28 1.74
N GLY A 100 14.79 26.43 2.24
CA GLY A 100 13.65 25.66 1.79
C GLY A 100 12.53 25.71 2.80
N THR A 101 11.68 24.68 2.81
CA THR A 101 10.58 24.58 3.75
C THR A 101 10.72 23.34 4.67
N ARG A 102 9.95 23.31 5.72
CA ARG A 102 9.92 22.19 6.64
C ARG A 102 8.45 21.79 6.86
N ARG A 103 8.14 20.48 6.88
CA ARG A 103 6.79 20.04 7.18
C ARG A 103 6.86 19.14 8.40
N ASP A 104 6.02 19.44 9.41
CA ASP A 104 5.97 18.68 10.65
C ASP A 104 4.62 18.00 10.85
N TRP A 105 4.62 16.89 11.60
CA TRP A 105 3.40 16.16 11.90
C TRP A 105 3.39 15.72 13.37
N ILE A 106 2.19 15.61 13.96
CA ILE A 106 2.00 15.07 15.31
C ILE A 106 0.94 13.98 15.17
N LEU A 107 1.22 12.79 15.68
CA LEU A 107 0.27 11.68 15.64
C LEU A 107 -0.29 11.48 17.04
N LYS A 108 -1.62 11.36 17.15
CA LYS A 108 -2.28 11.16 18.44
C LYS A 108 -3.29 10.01 18.41
N ASP A 109 -3.46 9.35 19.56
CA ASP A 109 -4.47 8.33 19.75
C ASP A 109 -5.79 9.13 19.88
N SER A 110 -6.79 8.86 19.04
CA SER A 110 -8.06 9.58 19.09
C SER A 110 -8.84 9.39 20.39
N VAL A 111 -8.79 8.20 20.97
CA VAL A 111 -9.53 7.90 22.18
C VAL A 111 -8.89 8.50 23.45
N THR A 112 -7.55 8.52 23.54
CA THR A 112 -6.87 9.03 24.74
C THR A 112 -6.37 10.49 24.60
N GLY A 113 -6.12 10.93 23.37
CA GLY A 113 -5.58 12.28 23.12
C GLY A 113 -4.07 12.38 23.27
N GLU A 114 -3.39 11.24 23.56
CA GLU A 114 -1.95 11.22 23.78
C GLU A 114 -1.13 11.19 22.49
N VAL A 115 0.03 11.86 22.51
CA VAL A 115 0.95 11.87 21.38
C VAL A 115 1.58 10.48 21.24
N THR A 116 1.33 9.81 20.14
CA THR A 116 1.88 8.48 19.89
C THR A 116 3.05 8.47 18.88
N GLY A 117 3.31 9.62 18.26
CA GLY A 117 4.40 9.75 17.31
C GLY A 117 4.58 11.18 16.82
N ARG A 118 5.72 11.46 16.21
CA ARG A 118 6.00 12.76 15.61
C ARG A 118 6.95 12.64 14.41
N ALA A 119 6.83 13.59 13.49
CA ALA A 119 7.67 13.59 12.29
C ALA A 119 8.03 14.98 11.84
N THR A 120 9.21 15.11 11.25
CA THR A 120 9.70 16.35 10.70
C THR A 120 10.41 16.05 9.38
N SER A 121 10.26 16.94 8.39
CA SER A 121 10.86 16.72 7.08
C SER A 121 11.39 18.01 6.45
N LYS A 122 12.54 17.92 5.77
CA LYS A 122 13.12 19.07 5.09
C LYS A 122 12.93 18.97 3.59
N TRP A 123 12.42 20.04 2.98
CA TRP A 123 12.12 20.10 1.57
C TRP A 123 12.93 21.22 0.90
N VAL A 124 13.46 20.93 -0.29
CA VAL A 124 14.25 21.90 -1.05
C VAL A 124 13.60 22.15 -2.43
N MET A 125 13.91 23.31 -3.00
CA MET A 125 13.34 23.71 -4.27
C MET A 125 14.25 23.19 -5.40
N MET A 126 13.64 22.60 -6.43
CA MET A 126 14.39 22.03 -7.54
C MET A 126 13.69 22.32 -8.87
N ASN A 127 14.48 22.42 -9.98
CA ASN A 127 13.88 22.57 -11.29
C ASN A 127 13.46 21.14 -11.71
N GLN A 128 12.19 20.94 -12.11
CA GLN A 128 11.65 19.63 -12.54
C GLN A 128 12.49 18.94 -13.62
N ASP A 129 12.99 19.72 -14.60
CA ASP A 129 13.69 19.24 -15.80
C ASP A 129 15.19 19.00 -15.63
N THR A 130 15.95 20.00 -15.12
CA THR A 130 17.39 19.85 -14.96
C THR A 130 17.80 19.17 -13.66
N ARG A 131 16.86 19.09 -12.67
CA ARG A 131 17.11 18.53 -11.35
C ARG A 131 18.07 19.42 -10.51
N ARG A 132 18.26 20.71 -10.88
CA ARG A 132 19.16 21.59 -10.14
C ARG A 132 18.49 22.30 -8.98
N LEU A 133 19.08 22.18 -7.77
CA LEU A 133 18.55 22.78 -6.56
C LEU A 133 18.70 24.30 -6.58
N GLN A 134 17.87 24.98 -5.78
CA GLN A 134 17.95 26.44 -5.68
C GLN A 134 17.32 26.98 -4.40
N LYS A 135 17.73 28.19 -4.03
CA LYS A 135 17.22 28.89 -2.87
C LYS A 135 15.81 29.43 -3.15
N VAL A 136 15.06 29.70 -2.09
CA VAL A 136 13.71 30.21 -2.19
C VAL A 136 13.71 31.76 -2.38
N SER A 137 13.12 32.22 -3.48
CA SER A 137 13.02 33.65 -3.75
C SER A 137 11.91 34.32 -2.89
N ASP A 138 11.92 35.68 -2.84
CA ASP A 138 10.89 36.46 -2.16
C ASP A 138 9.52 36.18 -2.77
N ASP A 139 9.43 36.14 -4.11
CA ASP A 139 8.16 35.90 -4.82
C ASP A 139 7.52 34.59 -4.37
N VAL A 140 8.33 33.52 -4.28
CA VAL A 140 7.85 32.21 -3.84
C VAL A 140 7.49 32.22 -2.35
N ARG A 141 8.38 32.79 -1.50
CA ARG A 141 8.15 32.90 -0.06
C ARG A 141 6.85 33.64 0.26
N ASP A 142 6.60 34.78 -0.39
CA ASP A 142 5.40 35.57 -0.13
C ASP A 142 4.12 34.83 -0.47
N GLU A 143 4.19 33.88 -1.41
CA GLU A 143 3.05 33.08 -1.81
C GLU A 143 2.71 32.00 -0.80
N TYR A 144 3.71 31.35 -0.17
CA TYR A 144 3.41 30.27 0.77
C TYR A 144 3.41 30.69 2.24
N LEU A 145 4.01 31.85 2.59
CA LEU A 145 4.11 32.33 3.97
C LEU A 145 2.77 32.63 4.63
N VAL A 146 1.75 32.96 3.84
CA VAL A 146 0.41 33.23 4.35
C VAL A 146 -0.29 31.93 4.87
N PHE A 147 0.29 30.75 4.58
CA PHE A 147 -0.23 29.45 5.00
C PHE A 147 0.54 28.82 6.19
N CYS A 148 1.57 29.51 6.66
CA CYS A 148 2.44 29.06 7.72
C CYS A 148 2.28 29.87 8.99
N PRO A 149 2.44 29.23 10.17
CA PRO A 149 2.51 30.03 11.40
C PRO A 149 3.78 30.91 11.35
N GLN A 150 3.70 32.16 11.81
CA GLN A 150 4.85 33.08 11.74
C GLN A 150 5.89 32.85 12.86
N GLU A 151 5.41 32.53 14.08
CA GLU A 151 6.32 32.15 15.16
C GLU A 151 6.73 30.68 14.93
N PRO A 152 7.92 30.25 15.40
CA PRO A 152 8.30 28.82 15.21
C PRO A 152 7.38 27.85 15.93
N ARG A 153 7.08 26.75 15.25
CA ARG A 153 6.25 25.67 15.77
C ARG A 153 6.96 24.37 15.34
N LEU A 154 7.72 23.75 16.27
CA LEU A 154 8.49 22.56 15.91
C LEU A 154 7.95 21.31 16.54
N ALA A 155 7.81 20.24 15.75
CA ALA A 155 7.42 18.94 16.30
C ALA A 155 8.54 18.38 17.17
N PHE A 156 9.81 18.70 16.86
CA PHE A 156 10.98 18.27 17.61
C PHE A 156 11.67 19.52 18.16
N PRO A 157 11.17 20.06 19.28
CA PRO A 157 11.77 21.28 19.83
C PRO A 157 13.15 21.09 20.47
N GLU A 158 13.35 20.02 21.30
CA GLU A 158 14.61 19.73 22.03
C GLU A 158 15.90 20.40 21.48
N GLU A 159 16.78 20.83 22.41
CA GLU A 159 18.03 21.52 22.11
C GLU A 159 19.00 20.71 21.24
N ASN A 160 19.22 19.44 21.59
CA ASN A 160 20.12 18.56 20.83
C ASN A 160 19.28 17.34 20.46
N ASN A 161 18.47 17.48 19.39
CA ASN A 161 17.58 16.39 19.00
C ASN A 161 18.06 15.61 17.75
N ARG A 162 17.62 14.35 17.63
CA ARG A 162 17.96 13.39 16.59
C ARG A 162 17.67 13.81 15.14
N SER A 163 16.72 14.73 14.94
CA SER A 163 16.34 15.16 13.58
C SER A 163 17.35 16.03 12.85
N LEU A 164 18.34 16.58 13.57
CA LEU A 164 19.33 17.50 13.01
C LEU A 164 20.77 16.96 13.03
N LYS A 165 20.95 15.64 13.17
CA LYS A 165 22.29 15.06 13.23
C LYS A 165 22.80 14.66 11.84
N LYS A 166 24.08 14.95 11.56
CA LYS A 166 24.73 14.62 10.29
C LYS A 166 24.91 13.09 10.19
N ILE A 167 24.54 12.47 9.06
CA ILE A 167 24.64 11.02 8.87
C ILE A 167 25.89 10.63 8.06
N PRO A 168 26.75 9.75 8.60
CA PRO A 168 27.93 9.33 7.85
C PRO A 168 27.66 8.32 6.74
N LYS A 169 28.66 8.10 5.88
CA LYS A 169 28.51 7.14 4.79
C LYS A 169 29.05 5.79 5.27
N LEU A 170 28.24 4.75 5.13
CA LEU A 170 28.57 3.38 5.54
C LEU A 170 29.79 2.90 4.73
N GLU A 171 30.75 2.25 5.39
CA GLU A 171 31.94 1.75 4.71
C GLU A 171 31.82 0.25 4.41
N ASP A 172 32.27 -0.16 3.22
CA ASP A 172 32.26 -1.57 2.86
C ASP A 172 33.38 -2.28 3.66
N PRO A 173 33.17 -3.53 4.10
CA PRO A 173 31.97 -4.35 3.90
C PRO A 173 30.81 -4.05 4.87
N ALA A 174 29.56 -4.13 4.39
CA ALA A 174 28.40 -3.93 5.24
C ALA A 174 28.19 -5.19 6.09
N GLN A 175 27.60 -5.05 7.29
CA GLN A 175 27.33 -6.23 8.12
C GLN A 175 26.21 -7.05 7.50
N TYR A 176 25.18 -6.38 6.97
CA TYR A 176 24.00 -6.98 6.34
C TYR A 176 23.69 -6.35 4.99
N SER A 177 22.97 -7.07 4.12
CA SER A 177 22.58 -6.52 2.83
C SER A 177 21.43 -7.24 2.19
N MET A 178 20.66 -6.52 1.37
CA MET A 178 19.59 -7.04 0.56
C MET A 178 19.87 -6.47 -0.83
N ILE A 179 20.19 -7.33 -1.79
CA ILE A 179 20.64 -6.95 -3.14
C ILE A 179 19.56 -7.15 -4.19
N GLY A 180 19.62 -6.36 -5.25
CA GLY A 180 18.71 -6.54 -6.37
C GLY A 180 17.27 -6.12 -6.16
N LEU A 181 17.03 -5.10 -5.33
CA LEU A 181 15.71 -4.56 -5.06
C LEU A 181 15.22 -3.68 -6.24
N LYS A 182 14.02 -3.96 -6.76
CA LYS A 182 13.48 -3.20 -7.90
C LYS A 182 12.07 -2.71 -7.59
N PRO A 183 11.74 -1.49 -8.05
CA PRO A 183 10.36 -1.02 -7.86
C PRO A 183 9.39 -1.66 -8.86
N ARG A 184 8.16 -1.92 -8.43
CA ARG A 184 7.11 -2.39 -9.33
C ARG A 184 6.13 -1.21 -9.56
N ARG A 185 5.09 -1.37 -10.36
CA ARG A 185 4.16 -0.27 -10.63
C ARG A 185 3.46 0.25 -9.39
N ALA A 186 3.17 -0.63 -8.42
CA ALA A 186 2.53 -0.21 -7.17
C ALA A 186 3.44 0.76 -6.40
N ASP A 187 4.77 0.72 -6.60
CA ASP A 187 5.73 1.61 -5.95
C ASP A 187 5.81 3.00 -6.59
N LEU A 188 5.11 3.24 -7.71
CA LEU A 188 5.17 4.54 -8.39
C LEU A 188 3.98 5.42 -8.00
N ASP A 189 4.19 6.74 -7.95
CA ASP A 189 3.15 7.71 -7.66
C ASP A 189 2.35 8.09 -8.94
N MET A 190 1.50 9.11 -8.86
CA MET A 190 0.69 9.58 -9.98
C MET A 190 1.53 10.24 -11.11
N ASN A 191 2.80 10.62 -10.82
CA ASN A 191 3.72 11.20 -11.82
C ASN A 191 4.77 10.18 -12.32
N GLN A 192 4.57 8.88 -12.02
CA GLN A 192 5.41 7.75 -12.39
C GLN A 192 6.82 7.79 -11.78
N HIS A 193 6.97 8.50 -10.66
CA HIS A 193 8.24 8.50 -9.93
C HIS A 193 8.08 7.55 -8.78
N VAL A 194 9.18 6.99 -8.27
CA VAL A 194 9.11 6.08 -7.13
C VAL A 194 8.64 6.88 -5.89
N ASN A 195 7.62 6.36 -5.17
CA ASN A 195 7.05 6.95 -3.96
C ASN A 195 8.15 6.97 -2.89
N ASN A 196 8.31 8.10 -2.20
CA ASN A 196 9.36 8.24 -1.18
C ASN A 196 9.31 7.21 -0.05
N VAL A 197 8.12 6.61 0.20
CA VAL A 197 7.90 5.59 1.24
C VAL A 197 8.61 4.27 0.85
N THR A 198 8.74 3.99 -0.46
CA THR A 198 9.40 2.77 -0.97
C THR A 198 10.85 2.73 -0.51
N TYR A 199 11.53 3.88 -0.48
CA TYR A 199 12.93 3.95 -0.04
C TYR A 199 13.05 3.56 1.43
N ILE A 200 12.05 3.93 2.28
CA ILE A 200 12.02 3.53 3.69
C ILE A 200 11.94 1.98 3.77
N GLY A 201 11.07 1.38 2.95
CA GLY A 201 10.94 -0.07 2.92
C GLY A 201 12.23 -0.75 2.48
N TRP A 202 12.87 -0.18 1.44
CA TRP A 202 14.14 -0.69 0.92
C TRP A 202 15.23 -0.62 1.99
N VAL A 203 15.31 0.50 2.76
CA VAL A 203 16.28 0.63 3.87
C VAL A 203 16.05 -0.51 4.90
N LEU A 204 14.79 -0.70 5.31
CA LEU A 204 14.41 -1.70 6.30
C LEU A 204 14.61 -3.16 5.85
N GLU A 205 14.68 -3.42 4.53
CA GLU A 205 14.90 -4.76 3.96
C GLU A 205 16.21 -5.40 4.39
N SER A 206 17.26 -4.60 4.63
CA SER A 206 18.53 -5.16 5.06
C SER A 206 18.64 -5.38 6.58
N ILE A 207 17.62 -4.97 7.37
CA ILE A 207 17.60 -5.26 8.82
C ILE A 207 17.31 -6.77 9.00
N PRO A 208 18.12 -7.50 9.79
CA PRO A 208 17.83 -8.95 9.99
C PRO A 208 16.45 -9.22 10.60
N GLN A 209 15.79 -10.29 10.14
CA GLN A 209 14.46 -10.66 10.60
C GLN A 209 14.36 -10.86 12.14
N GLU A 210 15.41 -11.36 12.81
CA GLU A 210 15.42 -11.56 14.26
C GLU A 210 15.30 -10.22 15.00
N ILE A 211 15.90 -9.14 14.44
CA ILE A 211 15.78 -7.82 15.06
C ILE A 211 14.34 -7.37 14.91
N VAL A 212 13.78 -7.51 13.71
CA VAL A 212 12.39 -7.15 13.40
C VAL A 212 11.39 -7.89 14.31
N ASP A 213 11.66 -9.17 14.60
CA ASP A 213 10.86 -10.04 15.45
C ASP A 213 10.94 -9.74 16.96
N THR A 214 12.09 -9.28 17.47
CA THR A 214 12.24 -9.00 18.90
C THR A 214 12.30 -7.51 19.25
N HIS A 215 12.25 -6.62 18.24
CA HIS A 215 12.35 -5.19 18.47
C HIS A 215 11.25 -4.39 17.78
N GLU A 216 11.08 -3.15 18.22
CA GLU A 216 10.15 -2.22 17.62
C GLU A 216 10.95 -1.03 17.14
N LEU A 217 10.67 -0.57 15.94
CA LEU A 217 11.33 0.60 15.39
C LEU A 217 10.85 1.85 16.14
N GLN A 218 11.78 2.58 16.78
CA GLN A 218 11.43 3.82 17.45
C GLN A 218 11.76 5.05 16.62
N VAL A 219 12.96 5.11 16.01
CA VAL A 219 13.36 6.30 15.25
C VAL A 219 13.91 5.90 13.91
N ILE A 220 13.58 6.67 12.84
CA ILE A 220 14.15 6.52 11.51
C ILE A 220 14.48 7.90 10.97
N THR A 221 15.71 8.10 10.55
CA THR A 221 16.14 9.37 9.92
C THR A 221 16.65 8.98 8.55
N LEU A 222 16.09 9.57 7.50
CA LEU A 222 16.48 9.22 6.14
C LEU A 222 16.78 10.43 5.26
N ASP A 223 17.99 10.48 4.66
CA ASP A 223 18.43 11.48 3.68
C ASP A 223 18.19 10.96 2.26
N TYR A 224 17.66 11.81 1.37
CA TYR A 224 17.38 11.52 -0.05
C TYR A 224 18.40 12.28 -0.90
N ARG A 225 19.31 11.53 -1.53
CA ARG A 225 20.39 12.13 -2.32
C ARG A 225 20.09 12.18 -3.79
N ARG A 226 19.47 11.11 -4.30
CA ARG A 226 19.20 10.94 -5.71
C ARG A 226 18.01 9.99 -5.86
N GLU A 227 17.23 10.20 -6.88
CA GLU A 227 16.05 9.42 -7.20
C GLU A 227 16.38 8.04 -7.85
N CYS A 228 15.58 6.99 -7.56
CA CYS A 228 15.75 5.68 -8.19
C CYS A 228 14.74 5.68 -9.35
N GLN A 229 15.22 5.47 -10.55
CA GLN A 229 14.35 5.40 -11.72
C GLN A 229 13.58 4.08 -11.74
N GLN A 230 12.55 4.00 -12.56
CA GLN A 230 11.70 2.83 -12.71
C GLN A 230 12.51 1.60 -13.15
N ASP A 231 13.54 1.78 -13.99
CA ASP A 231 14.36 0.67 -14.46
C ASP A 231 15.73 0.53 -13.73
N ASP A 232 15.86 1.18 -12.56
CA ASP A 232 17.06 1.08 -11.73
C ASP A 232 16.92 -0.10 -10.75
N VAL A 233 18.05 -0.64 -10.29
CA VAL A 233 18.11 -1.74 -9.33
C VAL A 233 18.93 -1.24 -8.14
N VAL A 234 18.43 -1.45 -6.91
CA VAL A 234 19.02 -0.96 -5.68
C VAL A 234 19.58 -2.07 -4.77
N ASP A 235 20.68 -1.76 -4.05
CA ASP A 235 21.25 -2.61 -3.02
C ASP A 235 21.10 -1.86 -1.70
N SER A 236 20.57 -2.54 -0.67
CA SER A 236 20.32 -2.02 0.68
C SER A 236 21.38 -2.57 1.67
N LEU A 237 22.14 -1.69 2.32
CA LEU A 237 23.21 -2.09 3.22
C LEU A 237 22.97 -1.58 4.65
N THR A 238 23.29 -2.39 5.66
CA THR A 238 23.11 -2.03 7.05
C THR A 238 24.27 -2.53 7.90
N THR A 239 24.76 -1.70 8.85
CA THR A 239 25.77 -2.09 9.82
C THR A 239 25.28 -1.62 11.19
N THR A 240 25.37 -2.49 12.21
CA THR A 240 25.00 -2.09 13.57
C THR A 240 26.04 -1.09 14.08
N THR A 241 25.63 0.05 14.62
CA THR A 241 26.60 1.02 15.17
C THR A 241 26.64 1.03 16.71
N SER A 242 25.71 0.34 17.37
CA SER A 242 25.66 0.29 18.82
C SER A 242 26.62 -0.78 19.42
N ASN A 259 20.41 -2.18 25.70
CA ASN A 259 19.05 -2.61 25.37
C ASN A 259 18.57 -2.17 23.97
N ASP A 260 18.98 -0.97 23.53
CA ASP A 260 18.57 -0.47 22.21
C ASP A 260 19.57 -0.90 21.12
N SER A 261 19.12 -0.95 19.86
CA SER A 261 20.00 -1.28 18.75
C SER A 261 19.94 -0.14 17.73
N GLN A 262 21.10 0.35 17.32
CA GLN A 262 21.20 1.41 16.32
C GLN A 262 21.84 0.83 15.07
N PHE A 263 21.40 1.31 13.91
CA PHE A 263 21.95 0.85 12.64
C PHE A 263 22.26 2.03 11.74
N LEU A 264 23.30 1.89 10.93
CA LEU A 264 23.67 2.83 9.87
C LEU A 264 23.21 2.17 8.56
N HIS A 265 22.61 2.95 7.66
CA HIS A 265 22.06 2.43 6.42
C HIS A 265 22.57 3.15 5.20
N LEU A 266 22.65 2.42 4.07
CA LEU A 266 23.01 2.97 2.79
C LEU A 266 22.23 2.28 1.65
N LEU A 267 21.59 3.06 0.76
CA LEU A 267 20.93 2.55 -0.44
C LEU A 267 21.79 3.03 -1.60
N ARG A 268 22.24 2.14 -2.49
CA ARG A 268 23.03 2.52 -3.65
C ARG A 268 22.62 1.74 -4.90
N LEU A 269 22.90 2.27 -6.10
CA LEU A 269 22.55 1.56 -7.34
C LEU A 269 23.37 0.30 -7.47
N SER A 270 22.72 -0.84 -7.71
CA SER A 270 23.30 -2.19 -7.77
C SER A 270 24.54 -2.32 -8.63
N GLY A 271 24.62 -1.48 -9.66
CA GLY A 271 25.74 -1.51 -10.57
C GLY A 271 26.93 -0.68 -10.15
N ASP A 272 26.91 0.60 -10.52
CA ASP A 272 28.03 1.52 -10.25
C ASP A 272 28.17 1.93 -8.78
N GLY A 273 27.22 1.59 -7.93
CA GLY A 273 27.31 1.94 -6.51
C GLY A 273 27.04 3.41 -6.20
N GLN A 274 26.30 4.09 -7.10
CA GLN A 274 25.91 5.48 -6.93
C GLN A 274 24.93 5.58 -5.74
N GLU A 275 25.24 6.42 -4.73
CA GLU A 275 24.39 6.61 -3.55
C GLU A 275 23.03 7.26 -3.85
N ILE A 276 21.94 6.66 -3.34
CA ILE A 276 20.61 7.24 -3.48
C ILE A 276 20.08 7.71 -2.12
N ASN A 277 20.41 7.00 -1.02
CA ASN A 277 19.99 7.36 0.34
C ASN A 277 20.98 6.90 1.38
N ARG A 278 21.01 7.60 2.51
CA ARG A 278 21.72 7.18 3.70
C ARG A 278 20.80 7.48 4.91
N GLY A 279 20.86 6.62 5.92
CA GLY A 279 19.99 6.79 7.09
C GLY A 279 20.42 6.06 8.33
N THR A 280 19.65 6.25 9.41
CA THR A 280 19.88 5.59 10.71
C THR A 280 18.56 5.15 11.29
N THR A 281 18.56 4.01 11.98
CA THR A 281 17.38 3.53 12.70
C THR A 281 17.73 3.24 14.16
N LEU A 282 16.77 3.42 15.05
CA LEU A 282 16.92 3.10 16.45
C LEU A 282 15.78 2.14 16.81
N TRP A 283 16.10 1.01 17.46
CA TRP A 283 15.09 0.00 17.78
C TRP A 283 15.12 -0.33 19.27
N ARG A 284 13.94 -0.61 19.86
CA ARG A 284 13.91 -1.00 21.27
C ARG A 284 13.35 -2.39 21.47
N LYS A 285 13.90 -3.14 22.41
CA LYS A 285 13.51 -4.50 22.76
C LYS A 285 12.04 -4.49 23.18
N LYS A 286 11.20 -5.40 22.62
CA LYS A 286 9.77 -5.46 22.99
C LYS A 286 9.59 -5.85 24.46
N GLY B 2 -18.37 1.76 8.34
CA GLY B 2 -18.90 0.54 7.77
C GLY B 2 -19.96 -0.09 8.66
N SER B 3 -20.89 -0.85 8.05
CA SER B 3 -21.95 -1.48 8.82
C SER B 3 -22.67 -2.55 8.05
N LEU B 4 -23.19 -3.55 8.78
CA LEU B 4 -24.07 -4.59 8.20
C LEU B 4 -25.37 -3.89 7.77
N THR B 5 -26.00 -4.38 6.69
CA THR B 5 -27.28 -3.86 6.21
C THR B 5 -28.41 -4.29 7.18
N GLU B 6 -29.64 -3.79 6.96
CA GLU B 6 -30.79 -4.05 7.82
C GLU B 6 -31.02 -5.54 8.11
N ASP B 7 -30.91 -6.41 7.10
CA ASP B 7 -31.14 -7.83 7.31
C ASP B 7 -29.95 -8.59 7.94
N GLY B 8 -28.79 -7.92 8.11
CA GLY B 8 -27.60 -8.52 8.67
C GLY B 8 -26.94 -9.56 7.77
N LEU B 9 -27.31 -9.58 6.47
CA LEU B 9 -26.81 -10.59 5.51
C LEU B 9 -25.79 -10.07 4.49
N SER B 10 -25.35 -8.81 4.62
CA SER B 10 -24.31 -8.19 3.80
C SER B 10 -23.73 -6.98 4.55
N TYR B 11 -22.59 -6.46 4.08
CA TYR B 11 -21.90 -5.37 4.76
C TYR B 11 -21.53 -4.25 3.79
N LYS B 12 -21.66 -2.98 4.21
CA LYS B 12 -21.29 -1.84 3.37
C LYS B 12 -20.26 -0.96 4.05
N GLU B 13 -19.38 -0.34 3.26
CA GLU B 13 -18.38 0.58 3.77
C GLU B 13 -18.01 1.61 2.70
N LYS B 14 -17.81 2.86 3.10
CA LYS B 14 -17.39 3.90 2.20
C LYS B 14 -15.89 4.20 2.39
N PHE B 15 -15.19 4.48 1.28
CA PHE B 15 -13.77 4.80 1.32
C PHE B 15 -13.50 6.05 0.51
N VAL B 16 -12.65 6.95 1.03
CA VAL B 16 -12.23 8.13 0.27
C VAL B 16 -10.94 7.71 -0.41
N VAL B 17 -10.83 7.85 -1.74
CA VAL B 17 -9.61 7.47 -2.47
C VAL B 17 -8.41 8.39 -2.08
N ARG B 18 -7.28 7.80 -1.66
CA ARG B 18 -6.07 8.51 -1.20
C ARG B 18 -5.05 8.84 -2.28
N SER B 19 -4.29 9.93 -2.09
CA SER B 19 -3.27 10.41 -3.02
C SER B 19 -2.26 9.33 -3.45
N TYR B 20 -1.76 8.51 -2.51
CA TYR B 20 -0.81 7.44 -2.82
C TYR B 20 -1.47 6.18 -3.43
N GLU B 21 -2.78 6.10 -3.41
CA GLU B 21 -3.52 4.97 -3.96
C GLU B 21 -3.81 5.09 -5.47
N VAL B 22 -3.48 6.25 -6.09
CA VAL B 22 -3.78 6.48 -7.50
C VAL B 22 -2.58 6.36 -8.41
N GLY B 23 -2.85 5.99 -9.66
CA GLY B 23 -1.84 5.87 -10.71
C GLY B 23 -1.70 7.12 -11.55
N SER B 24 -1.10 6.98 -12.75
CA SER B 24 -0.83 8.09 -13.69
C SER B 24 -2.08 8.85 -14.19
N ASN B 25 -3.23 8.19 -14.22
CA ASN B 25 -4.50 8.80 -14.61
C ASN B 25 -5.26 9.49 -13.43
N LYS B 26 -4.63 9.56 -12.25
CA LYS B 26 -5.20 10.11 -11.02
C LYS B 26 -6.49 9.36 -10.57
N THR B 27 -6.55 8.05 -10.90
CA THR B 27 -7.62 7.17 -10.46
C THR B 27 -7.00 5.97 -9.70
N ALA B 28 -7.79 5.32 -8.83
CA ALA B 28 -7.32 4.20 -8.03
C ALA B 28 -6.83 3.07 -8.89
N THR B 29 -5.69 2.47 -8.53
CA THR B 29 -5.15 1.34 -9.26
C THR B 29 -6.00 0.10 -8.94
N VAL B 30 -5.83 -0.96 -9.73
CA VAL B 30 -6.56 -2.21 -9.45
C VAL B 30 -6.06 -2.84 -8.13
N GLU B 31 -4.81 -2.58 -7.73
CA GLU B 31 -4.29 -3.07 -6.45
C GLU B 31 -4.88 -2.31 -5.27
N THR B 32 -5.20 -1.01 -5.46
CA THR B 32 -5.88 -0.26 -4.41
C THR B 32 -7.30 -0.83 -4.24
N ILE B 33 -8.00 -1.08 -5.37
CA ILE B 33 -9.35 -1.64 -5.32
C ILE B 33 -9.34 -2.99 -4.58
N ALA B 34 -8.37 -3.87 -4.94
CA ALA B 34 -8.20 -5.20 -4.37
C ALA B 34 -7.94 -5.15 -2.87
N ASN B 35 -7.18 -4.14 -2.39
CA ASN B 35 -6.90 -3.88 -0.98
C ASN B 35 -8.21 -3.51 -0.28
N LEU B 36 -9.06 -2.67 -0.92
CA LEU B 36 -10.35 -2.26 -0.37
C LEU B 36 -11.33 -3.45 -0.26
N LEU B 37 -11.27 -4.41 -1.23
CA LEU B 37 -12.11 -5.60 -1.16
C LEU B 37 -11.71 -6.43 0.09
N GLN B 38 -10.41 -6.54 0.38
CA GLN B 38 -9.89 -7.23 1.55
C GLN B 38 -10.38 -6.56 2.82
N GLU B 39 -10.24 -5.22 2.88
CA GLU B 39 -10.66 -4.44 4.04
C GLU B 39 -12.17 -4.59 4.36
N VAL B 40 -13.02 -4.46 3.35
CA VAL B 40 -14.46 -4.59 3.57
C VAL B 40 -14.81 -6.07 3.94
N GLY B 41 -14.08 -7.03 3.40
CA GLY B 41 -14.24 -8.45 3.71
C GLY B 41 -13.92 -8.73 5.18
N CYS B 42 -12.79 -8.22 5.68
CA CYS B 42 -12.39 -8.37 7.07
C CYS B 42 -13.35 -7.70 8.01
N ASN B 43 -13.83 -6.49 7.69
CA ASN B 43 -14.79 -5.77 8.55
C ASN B 43 -16.15 -6.49 8.59
N HIS B 44 -16.57 -7.13 7.49
CA HIS B 44 -17.80 -7.92 7.45
C HIS B 44 -17.67 -9.11 8.46
N ALA B 45 -16.56 -9.89 8.39
CA ALA B 45 -16.31 -11.01 9.29
C ALA B 45 -16.25 -10.57 10.76
N GLN B 46 -15.62 -9.42 11.05
CA GLN B 46 -15.55 -8.90 12.42
C GLN B 46 -16.95 -8.55 12.93
N SER B 47 -17.76 -7.88 12.11
CA SER B 47 -19.09 -7.46 12.52
C SER B 47 -20.05 -8.61 12.78
N VAL B 48 -19.75 -9.83 12.30
CA VAL B 48 -20.63 -10.96 12.54
C VAL B 48 -20.03 -11.97 13.55
N GLY B 49 -19.09 -11.53 14.38
CA GLY B 49 -18.57 -12.36 15.46
C GLY B 49 -17.24 -13.05 15.31
N PHE B 50 -16.65 -13.06 14.10
CA PHE B 50 -15.36 -13.73 13.91
C PHE B 50 -14.19 -12.97 14.58
N SER B 51 -13.34 -13.69 15.33
CA SER B 51 -12.25 -13.04 16.07
C SER B 51 -10.90 -13.18 15.41
N THR B 52 -10.38 -12.02 14.91
CA THR B 52 -9.15 -11.57 14.19
C THR B 52 -7.97 -12.55 13.95
N ASP B 53 -7.88 -13.71 14.60
CA ASP B 53 -6.81 -14.69 14.41
C ASP B 53 -6.63 -15.04 12.90
N GLY B 54 -7.65 -15.62 12.29
CA GLY B 54 -7.67 -15.92 10.85
C GLY B 54 -8.84 -15.21 10.17
N PHE B 55 -9.02 -15.43 8.84
CA PHE B 55 -10.14 -14.79 8.15
C PHE B 55 -11.37 -15.71 8.13
N ALA B 56 -12.47 -15.28 8.76
CA ALA B 56 -13.74 -15.99 8.88
C ALA B 56 -13.61 -17.44 9.36
N THR B 57 -12.70 -17.68 10.30
CA THR B 57 -12.47 -19.01 10.88
C THR B 57 -13.58 -19.28 11.89
N THR B 58 -14.40 -20.31 11.63
CA THR B 58 -15.45 -20.68 12.57
C THR B 58 -14.85 -21.40 13.80
N THR B 59 -15.66 -21.64 14.84
CA THR B 59 -15.20 -22.30 16.06
C THR B 59 -14.67 -23.72 15.75
N THR B 60 -15.42 -24.49 14.95
CA THR B 60 -14.99 -25.84 14.56
C THR B 60 -13.69 -25.80 13.73
N MET B 61 -13.59 -24.85 12.77
CA MET B 61 -12.39 -24.73 11.95
C MET B 61 -11.13 -24.49 12.82
N ARG B 62 -11.20 -23.57 13.80
CA ARG B 62 -10.05 -23.25 14.66
C ARG B 62 -9.55 -24.47 15.44
N LYS B 63 -10.47 -25.29 15.93
CA LYS B 63 -10.17 -26.51 16.68
C LYS B 63 -9.49 -27.56 15.79
N LEU B 64 -9.92 -27.65 14.52
CA LEU B 64 -9.34 -28.60 13.57
C LEU B 64 -8.18 -28.02 12.75
N HIS B 65 -7.67 -26.80 13.10
CA HIS B 65 -6.59 -26.12 12.38
C HIS B 65 -6.92 -25.93 10.89
N LEU B 66 -8.14 -25.46 10.62
CA LEU B 66 -8.63 -25.23 9.27
C LEU B 66 -8.78 -23.75 8.96
N ILE B 67 -8.48 -23.35 7.71
CA ILE B 67 -8.57 -21.98 7.23
C ILE B 67 -9.23 -21.92 5.86
N TRP B 68 -9.80 -20.75 5.54
CA TRP B 68 -10.32 -20.43 4.23
C TRP B 68 -9.14 -19.85 3.44
N VAL B 69 -8.92 -20.34 2.23
CA VAL B 69 -7.85 -19.89 1.33
C VAL B 69 -8.46 -19.49 -0.03
N THR B 70 -7.99 -18.39 -0.64
CA THR B 70 -8.51 -17.98 -1.95
C THR B 70 -8.02 -18.92 -3.08
N ALA B 71 -8.95 -19.44 -3.89
CA ALA B 71 -8.58 -20.27 -5.03
C ALA B 71 -8.66 -19.41 -6.32
N ARG B 72 -9.66 -18.52 -6.39
CA ARG B 72 -9.85 -17.68 -7.56
C ARG B 72 -10.39 -16.30 -7.17
N MET B 73 -9.88 -15.23 -7.85
CA MET B 73 -10.36 -13.86 -7.69
C MET B 73 -10.73 -13.35 -9.10
N HIS B 74 -11.92 -12.75 -9.24
CA HIS B 74 -12.37 -12.21 -10.51
C HIS B 74 -12.89 -10.77 -10.29
N ILE B 75 -12.24 -9.77 -10.92
CA ILE B 75 -12.62 -8.37 -10.77
C ILE B 75 -12.90 -7.72 -12.12
N GLU B 76 -14.03 -7.01 -12.22
N GLU B 76 -14.04 -7.00 -12.21
N GLU B 76 -14.03 -7.01 -12.22
CA GLU B 76 -14.38 -6.27 -13.41
CA GLU B 76 -14.42 -6.27 -13.41
CA GLU B 76 -14.38 -6.27 -13.41
C GLU B 76 -14.64 -4.82 -13.02
C GLU B 76 -14.65 -4.82 -13.03
C GLU B 76 -14.64 -4.82 -13.02
N ILE B 77 -13.87 -3.88 -13.60
CA ILE B 77 -14.01 -2.44 -13.29
C ILE B 77 -14.47 -1.64 -14.51
N TYR B 78 -15.61 -0.92 -14.38
CA TYR B 78 -16.14 -0.05 -15.44
C TYR B 78 -15.55 1.36 -15.27
N LYS B 79 -15.42 1.84 -14.03
CA LYS B 79 -14.86 3.16 -13.78
C LYS B 79 -14.02 3.11 -12.52
N TYR B 80 -12.76 3.54 -12.60
CA TYR B 80 -11.90 3.58 -11.44
C TYR B 80 -12.15 4.91 -10.74
N PRO B 81 -12.42 4.89 -9.43
CA PRO B 81 -12.70 6.17 -8.72
C PRO B 81 -11.49 7.11 -8.72
N ALA B 82 -11.73 8.40 -8.87
CA ALA B 82 -10.67 9.39 -8.88
C ALA B 82 -10.19 9.69 -7.45
N TRP B 83 -8.98 10.26 -7.33
CA TRP B 83 -8.38 10.70 -6.09
C TRP B 83 -9.32 11.72 -5.40
N GLY B 84 -9.73 11.42 -4.17
CA GLY B 84 -10.64 12.28 -3.43
C GLY B 84 -12.10 11.88 -3.52
N ASP B 85 -12.45 10.98 -4.46
CA ASP B 85 -13.82 10.50 -4.61
C ASP B 85 -14.19 9.46 -3.53
N VAL B 86 -15.47 9.31 -3.27
CA VAL B 86 -15.95 8.33 -2.30
C VAL B 86 -16.51 7.11 -3.03
N VAL B 87 -16.04 5.91 -2.67
CA VAL B 87 -16.53 4.68 -3.25
C VAL B 87 -17.22 3.81 -2.17
N GLU B 88 -18.43 3.30 -2.47
CA GLU B 88 -19.14 2.45 -1.51
C GLU B 88 -19.09 1.00 -1.96
N ILE B 89 -18.64 0.10 -1.08
CA ILE B 89 -18.53 -1.33 -1.42
C ILE B 89 -19.44 -2.19 -0.54
N GLU B 90 -20.29 -2.99 -1.18
CA GLU B 90 -21.13 -3.93 -0.46
C GLU B 90 -20.57 -5.36 -0.69
N THR B 91 -20.44 -6.13 0.38
CA THR B 91 -19.93 -7.48 0.28
C THR B 91 -20.84 -8.49 1.00
N TRP B 92 -20.85 -9.72 0.50
CA TRP B 92 -21.60 -10.81 1.09
C TRP B 92 -20.94 -12.14 0.74
N CYS B 93 -21.21 -13.17 1.54
CA CYS B 93 -20.67 -14.48 1.28
C CYS B 93 -21.81 -15.48 1.09
N GLN B 94 -21.51 -16.60 0.44
CA GLN B 94 -22.53 -17.61 0.18
C GLN B 94 -21.91 -19.01 0.16
N SER B 95 -22.66 -20.04 0.64
CA SER B 95 -22.19 -21.43 0.65
C SER B 95 -22.29 -22.00 -0.77
N GLU B 96 -21.29 -22.77 -1.18
CA GLU B 96 -21.32 -23.44 -2.48
C GLU B 96 -21.28 -24.94 -2.23
N GLY B 97 -22.15 -25.41 -1.33
CA GLY B 97 -22.21 -26.81 -0.92
C GLY B 97 -20.92 -27.23 -0.25
N ARG B 98 -20.50 -28.46 -0.52
CA ARG B 98 -19.27 -29.00 0.07
C ARG B 98 -17.99 -28.49 -0.59
N ILE B 99 -18.08 -27.80 -1.73
CA ILE B 99 -16.90 -27.31 -2.44
C ILE B 99 -16.15 -26.25 -1.64
N GLY B 100 -16.89 -25.29 -1.13
CA GLY B 100 -16.31 -24.19 -0.39
C GLY B 100 -17.28 -23.05 -0.29
N THR B 101 -16.73 -21.87 -0.30
CA THR B 101 -17.49 -20.67 -0.12
C THR B 101 -17.17 -19.64 -1.23
N ARG B 102 -18.07 -18.67 -1.41
CA ARG B 102 -17.89 -17.62 -2.41
C ARG B 102 -18.09 -16.25 -1.75
N ARG B 103 -17.24 -15.26 -2.08
CA ARG B 103 -17.45 -13.92 -1.56
C ARG B 103 -17.58 -12.98 -2.75
N ASP B 104 -18.65 -12.17 -2.76
CA ASP B 104 -18.93 -11.23 -3.83
C ASP B 104 -18.90 -9.79 -3.34
N TRP B 105 -18.60 -8.84 -4.25
CA TRP B 105 -18.56 -7.43 -3.92
C TRP B 105 -19.21 -6.62 -5.05
N ILE B 106 -19.82 -5.46 -4.71
CA ILE B 106 -20.36 -4.51 -5.66
C ILE B 106 -19.75 -3.16 -5.29
N LEU B 107 -19.14 -2.47 -6.25
CA LEU B 107 -18.55 -1.16 -6.03
C LEU B 107 -19.46 -0.11 -6.66
N LYS B 108 -19.75 0.96 -5.92
CA LYS B 108 -20.61 2.04 -6.42
C LYS B 108 -20.01 3.41 -6.18
N ASP B 109 -20.32 4.35 -7.08
CA ASP B 109 -19.96 5.76 -6.92
C ASP B 109 -20.93 6.29 -5.85
N SER B 110 -20.43 6.85 -4.75
CA SER B 110 -21.28 7.35 -3.67
C SER B 110 -22.18 8.52 -4.08
N VAL B 111 -21.69 9.40 -4.96
CA VAL B 111 -22.45 10.57 -5.38
C VAL B 111 -23.56 10.23 -6.39
N THR B 112 -23.30 9.30 -7.33
CA THR B 112 -24.29 8.96 -8.36
C THR B 112 -25.12 7.69 -8.04
N GLY B 113 -24.58 6.78 -7.24
CA GLY B 113 -25.26 5.52 -6.92
C GLY B 113 -25.06 4.44 -7.98
N GLU B 114 -24.27 4.73 -9.03
CA GLU B 114 -24.04 3.77 -10.12
C GLU B 114 -22.99 2.72 -9.82
N VAL B 115 -23.21 1.49 -10.34
CA VAL B 115 -22.24 0.40 -10.19
C VAL B 115 -21.01 0.71 -11.03
N THR B 116 -19.86 0.85 -10.39
CA THR B 116 -18.61 1.14 -11.09
C THR B 116 -17.67 -0.06 -11.21
N GLY B 117 -18.02 -1.16 -10.53
CA GLY B 117 -17.24 -2.38 -10.55
C GLY B 117 -17.90 -3.51 -9.79
N ARG B 118 -17.43 -4.74 -10.02
N ARG B 118 -17.44 -4.73 -10.03
N ARG B 118 -17.42 -4.73 -10.00
CA ARG B 118 -17.93 -5.91 -9.32
CA ARG B 118 -17.94 -5.92 -9.34
CA ARG B 118 -17.92 -5.91 -9.30
C ARG B 118 -16.86 -6.99 -9.22
C ARG B 118 -16.85 -6.99 -9.22
C ARG B 118 -16.85 -6.98 -9.20
N ALA B 119 -16.93 -7.81 -8.17
CA ALA B 119 -15.95 -8.86 -7.95
C ALA B 119 -16.56 -10.10 -7.36
N THR B 120 -15.98 -11.25 -7.68
CA THR B 120 -16.39 -12.54 -7.17
C THR B 120 -15.14 -13.36 -6.88
N SER B 121 -15.18 -14.15 -5.80
CA SER B 121 -14.01 -14.94 -5.41
C SER B 121 -14.40 -16.31 -4.84
N LYS B 122 -13.61 -17.33 -5.16
CA LYS B 122 -13.84 -18.69 -4.68
C LYS B 122 -12.84 -19.05 -3.60
N TRP B 123 -13.34 -19.53 -2.46
CA TRP B 123 -12.53 -19.89 -1.32
C TRP B 123 -12.71 -21.38 -0.99
N VAL B 124 -11.62 -22.04 -0.66
CA VAL B 124 -11.63 -23.45 -0.30
C VAL B 124 -11.07 -23.66 1.12
N MET B 125 -11.46 -24.77 1.75
CA MET B 125 -11.00 -25.08 3.10
C MET B 125 -9.68 -25.81 3.02
N MET B 126 -8.73 -25.45 3.88
CA MET B 126 -7.43 -26.07 3.91
C MET B 126 -6.93 -26.26 5.34
N ASN B 127 -6.10 -27.29 5.58
CA ASN B 127 -5.49 -27.46 6.89
C ASN B 127 -4.31 -26.48 6.92
N GLN B 128 -4.21 -25.61 7.94
CA GLN B 128 -3.13 -24.63 8.09
C GLN B 128 -1.73 -25.22 7.99
N ASP B 129 -1.51 -26.42 8.58
CA ASP B 129 -0.21 -27.09 8.73
C ASP B 129 0.22 -27.98 7.56
N THR B 130 -0.65 -28.91 7.11
CA THR B 130 -0.31 -29.79 5.99
C THR B 130 -0.58 -29.16 4.62
N ARG B 131 -1.40 -28.08 4.57
CA ARG B 131 -1.82 -27.42 3.35
C ARG B 131 -2.72 -28.32 2.47
N ARG B 132 -3.38 -29.34 3.06
CA ARG B 132 -4.28 -30.23 2.32
C ARG B 132 -5.71 -29.72 2.27
N LEU B 133 -6.27 -29.65 1.05
CA LEU B 133 -7.62 -29.18 0.79
C LEU B 133 -8.67 -30.15 1.34
N GLN B 134 -9.88 -29.65 1.60
CA GLN B 134 -10.96 -30.50 2.04
C GLN B 134 -12.33 -29.90 1.81
N LYS B 135 -13.34 -30.77 1.75
CA LYS B 135 -14.73 -30.39 1.60
C LYS B 135 -15.27 -29.78 2.90
N VAL B 136 -16.35 -29.02 2.78
CA VAL B 136 -16.98 -28.37 3.93
C VAL B 136 -17.98 -29.33 4.64
N SER B 137 -17.74 -29.63 5.93
CA SER B 137 -18.61 -30.52 6.69
C SER B 137 -19.89 -29.78 7.15
N ASP B 138 -20.92 -30.53 7.60
CA ASP B 138 -22.16 -29.99 8.13
C ASP B 138 -21.89 -29.07 9.31
N ASP B 139 -21.03 -29.48 10.24
CA ASP B 139 -20.69 -28.70 11.42
C ASP B 139 -20.20 -27.29 11.06
N VAL B 140 -19.26 -27.16 10.08
CA VAL B 140 -18.77 -25.83 9.70
C VAL B 140 -19.84 -25.09 8.87
N ARG B 141 -20.55 -25.79 7.95
CA ARG B 141 -21.62 -25.17 7.16
C ARG B 141 -22.71 -24.55 8.04
N ASP B 142 -23.14 -25.25 9.09
CA ASP B 142 -24.18 -24.75 9.99
C ASP B 142 -23.74 -23.52 10.78
N GLU B 143 -22.43 -23.37 11.00
CA GLU B 143 -21.87 -22.23 11.70
C GLU B 143 -21.84 -20.98 10.86
N TYR B 144 -21.54 -21.08 9.55
CA TYR B 144 -21.44 -19.88 8.71
C TYR B 144 -22.71 -19.57 7.89
N LEU B 145 -23.63 -20.55 7.71
CA LEU B 145 -24.84 -20.37 6.91
C LEU B 145 -25.83 -19.34 7.47
N VAL B 146 -25.79 -19.11 8.77
CA VAL B 146 -26.63 -18.11 9.41
C VAL B 146 -26.21 -16.66 9.05
N PHE B 147 -25.04 -16.49 8.41
CA PHE B 147 -24.49 -15.19 7.99
C PHE B 147 -24.64 -14.93 6.48
N CYS B 148 -25.19 -15.88 5.74
CA CYS B 148 -25.33 -15.84 4.30
C CYS B 148 -26.78 -15.72 3.88
N PRO B 149 -27.06 -15.02 2.76
CA PRO B 149 -28.43 -15.08 2.19
C PRO B 149 -28.71 -16.52 1.72
N GLN B 150 -29.92 -17.03 1.94
CA GLN B 150 -30.25 -18.43 1.61
C GLN B 150 -30.54 -18.63 0.11
N GLU B 151 -31.24 -17.68 -0.52
CA GLU B 151 -31.45 -17.72 -1.97
C GLU B 151 -30.14 -17.22 -2.63
N PRO B 152 -29.84 -17.63 -3.88
CA PRO B 152 -28.61 -17.13 -4.53
C PRO B 152 -28.62 -15.62 -4.76
N ARG B 153 -27.47 -15.00 -4.55
CA ARG B 153 -27.23 -13.59 -4.74
C ARG B 153 -25.86 -13.49 -5.42
N LEU B 154 -25.84 -13.31 -6.74
CA LEU B 154 -24.58 -13.34 -7.51
C LEU B 154 -24.19 -11.96 -8.04
N ALA B 155 -22.95 -11.53 -7.79
CA ALA B 155 -22.46 -10.28 -8.38
C ALA B 155 -22.36 -10.44 -9.91
N PHE B 156 -22.07 -11.67 -10.40
CA PHE B 156 -21.99 -12.01 -11.82
C PHE B 156 -23.06 -13.06 -12.13
N PRO B 157 -24.32 -12.64 -12.32
CA PRO B 157 -25.38 -13.63 -12.52
C PRO B 157 -25.43 -14.23 -13.92
N GLU B 158 -25.23 -13.42 -14.98
CA GLU B 158 -25.27 -13.84 -16.40
C GLU B 158 -24.73 -15.25 -16.66
N GLU B 159 -25.43 -16.05 -17.49
CA GLU B 159 -24.95 -17.39 -17.81
C GLU B 159 -23.77 -17.30 -18.76
N ASN B 160 -22.84 -18.27 -18.64
CA ASN B 160 -21.61 -18.34 -19.44
C ASN B 160 -20.82 -17.03 -19.31
N ASN B 161 -20.57 -16.59 -18.08
CA ASN B 161 -19.86 -15.34 -17.84
C ASN B 161 -18.35 -15.56 -17.62
N ARG B 162 -17.55 -14.48 -17.66
CA ARG B 162 -16.10 -14.51 -17.54
C ARG B 162 -15.54 -15.09 -16.24
N SER B 163 -16.30 -15.03 -15.13
CA SER B 163 -15.81 -15.51 -13.84
C SER B 163 -15.73 -17.02 -13.69
N LEU B 164 -16.36 -17.78 -14.60
CA LEU B 164 -16.42 -19.25 -14.53
C LEU B 164 -15.69 -19.97 -15.67
N LYS B 165 -14.79 -19.27 -16.38
CA LYS B 165 -14.09 -19.87 -17.52
C LYS B 165 -12.77 -20.51 -17.10
N LYS B 166 -12.49 -21.71 -17.63
CA LYS B 166 -11.25 -22.46 -17.35
C LYS B 166 -10.05 -21.73 -17.97
N ILE B 167 -8.96 -21.55 -17.21
CA ILE B 167 -7.78 -20.84 -17.71
C ILE B 167 -6.65 -21.81 -18.13
N PRO B 168 -6.18 -21.71 -19.38
CA PRO B 168 -5.11 -22.61 -19.82
C PRO B 168 -3.71 -22.23 -19.29
N LYS B 169 -2.75 -23.14 -19.46
CA LYS B 169 -1.38 -22.90 -19.03
C LYS B 169 -0.61 -22.31 -20.20
N LEU B 170 0.06 -21.18 -19.98
CA LEU B 170 0.85 -20.46 -20.96
C LEU B 170 2.01 -21.36 -21.41
N GLU B 171 2.29 -21.43 -22.72
CA GLU B 171 3.39 -22.26 -23.22
C GLU B 171 4.62 -21.40 -23.52
N ASP B 172 5.81 -21.91 -23.18
CA ASP B 172 7.06 -21.22 -23.49
C ASP B 172 7.30 -21.31 -25.00
N PRO B 173 7.85 -20.25 -25.65
CA PRO B 173 8.30 -19.00 -25.04
C PRO B 173 7.17 -17.98 -24.82
N ALA B 174 7.24 -17.22 -23.71
CA ALA B 174 6.27 -16.17 -23.43
C ALA B 174 6.56 -14.97 -24.33
N GLN B 175 5.53 -14.17 -24.69
CA GLN B 175 5.77 -12.99 -25.51
C GLN B 175 6.49 -11.93 -24.67
N TYR B 176 6.11 -11.79 -23.39
CA TYR B 176 6.66 -10.82 -22.45
C TYR B 176 7.01 -11.47 -21.11
N SER B 177 7.92 -10.86 -20.34
CA SER B 177 8.29 -11.39 -19.04
C SER B 177 8.94 -10.39 -18.14
N MET B 178 8.78 -10.59 -16.83
CA MET B 178 9.43 -9.81 -15.80
C MET B 178 9.99 -10.86 -14.84
N ILE B 179 11.31 -10.96 -14.76
CA ILE B 179 11.98 -12.02 -14.00
C ILE B 179 12.59 -11.52 -12.69
N GLY B 180 12.72 -12.41 -11.73
CA GLY B 180 13.37 -12.07 -10.47
C GLY B 180 12.58 -11.22 -9.51
N LEU B 181 11.25 -11.33 -9.51
CA LEU B 181 10.36 -10.58 -8.63
C LEU B 181 10.39 -11.19 -7.21
N LYS B 182 10.65 -10.37 -6.18
CA LYS B 182 10.72 -10.85 -4.80
C LYS B 182 9.81 -10.02 -3.89
N PRO B 183 9.15 -10.65 -2.92
CA PRO B 183 8.35 -9.87 -1.97
C PRO B 183 9.23 -9.17 -0.90
N ARG B 184 8.85 -7.96 -0.50
CA ARG B 184 9.52 -7.28 0.60
C ARG B 184 8.57 -7.35 1.84
N ARG B 185 8.96 -6.80 2.99
CA ARG B 185 8.12 -6.87 4.18
C ARG B 185 6.76 -6.21 4.02
N ALA B 186 6.69 -5.11 3.25
CA ALA B 186 5.42 -4.44 3.00
C ALA B 186 4.44 -5.37 2.27
N ASP B 187 4.94 -6.38 1.51
CA ASP B 187 4.09 -7.35 0.79
C ASP B 187 3.54 -8.46 1.69
N LEU B 188 3.94 -8.52 2.96
CA LEU B 188 3.46 -9.58 3.87
C LEU B 188 2.28 -9.10 4.71
N ASP B 189 1.36 -10.01 5.06
CA ASP B 189 0.23 -9.71 5.92
C ASP B 189 0.60 -9.84 7.43
N MET B 190 -0.39 -9.80 8.33
CA MET B 190 -0.17 -9.91 9.77
C MET B 190 0.28 -11.34 10.20
N ASN B 191 0.12 -12.36 9.32
CA ASN B 191 0.57 -13.74 9.58
C ASN B 191 1.87 -14.10 8.84
N GLN B 192 2.56 -13.08 8.28
CA GLN B 192 3.82 -13.16 7.53
C GLN B 192 3.72 -13.95 6.23
N HIS B 193 2.52 -14.06 5.66
CA HIS B 193 2.33 -14.69 4.37
C HIS B 193 2.23 -13.57 3.35
N VAL B 194 2.58 -13.85 2.10
CA VAL B 194 2.47 -12.83 1.05
C VAL B 194 0.98 -12.49 0.84
N ASN B 195 0.64 -11.18 0.86
CA ASN B 195 -0.71 -10.66 0.65
C ASN B 195 -1.15 -11.06 -0.76
N ASN B 196 -2.38 -11.57 -0.90
CA ASN B 196 -2.89 -12.03 -2.19
C ASN B 196 -2.90 -10.95 -3.30
N VAL B 197 -2.92 -9.65 -2.91
CA VAL B 197 -2.92 -8.51 -3.82
C VAL B 197 -1.56 -8.39 -4.54
N THR B 198 -0.46 -8.83 -3.87
CA THR B 198 0.91 -8.79 -4.43
C THR B 198 0.99 -9.63 -5.71
N TYR B 199 0.31 -10.78 -5.72
CA TYR B 199 0.30 -11.66 -6.89
C TYR B 199 -0.35 -10.96 -8.09
N ILE B 200 -1.40 -10.14 -7.86
CA ILE B 200 -2.04 -9.34 -8.93
C ILE B 200 -1.00 -8.37 -9.51
N GLY B 201 -0.25 -7.69 -8.62
CA GLY B 201 0.79 -6.76 -9.07
C GLY B 201 1.87 -7.45 -9.87
N TRP B 202 2.29 -8.65 -9.40
CA TRP B 202 3.30 -9.45 -10.08
C TRP B 202 2.83 -9.87 -11.46
N VAL B 203 1.54 -10.30 -11.60
CA VAL B 203 0.96 -10.65 -12.91
C VAL B 203 1.05 -9.43 -13.86
N LEU B 204 0.62 -8.26 -13.38
CA LEU B 204 0.59 -7.04 -14.17
C LEU B 204 1.98 -6.48 -14.55
N GLU B 205 3.05 -6.89 -13.83
CA GLU B 205 4.43 -6.47 -14.10
C GLU B 205 4.93 -6.88 -15.49
N SER B 206 4.45 -8.01 -16.03
CA SER B 206 4.88 -8.44 -17.35
C SER B 206 4.07 -7.81 -18.50
N ILE B 207 3.02 -7.01 -18.21
CA ILE B 207 2.27 -6.28 -19.26
C ILE B 207 3.17 -5.12 -19.76
N PRO B 208 3.37 -4.98 -21.07
CA PRO B 208 4.19 -3.86 -21.56
C PRO B 208 3.64 -2.47 -21.17
N GLN B 209 4.55 -1.55 -20.83
CA GLN B 209 4.20 -0.20 -20.41
C GLN B 209 3.31 0.57 -21.42
N GLU B 210 3.49 0.36 -22.73
CA GLU B 210 2.68 1.03 -23.76
C GLU B 210 1.21 0.59 -23.68
N ILE B 211 0.94 -0.67 -23.32
CA ILE B 211 -0.43 -1.15 -23.14
C ILE B 211 -1.01 -0.45 -21.92
N VAL B 212 -0.25 -0.37 -20.82
CA VAL B 212 -0.66 0.28 -19.57
C VAL B 212 -0.95 1.78 -19.79
N ASP B 213 -0.15 2.43 -20.63
CA ASP B 213 -0.28 3.85 -20.98
C ASP B 213 -1.45 4.19 -21.93
N THR B 214 -1.82 3.27 -22.83
CA THR B 214 -2.90 3.52 -23.78
C THR B 214 -4.19 2.74 -23.51
N HIS B 215 -4.19 1.86 -22.52
CA HIS B 215 -5.37 1.05 -22.20
C HIS B 215 -5.75 1.15 -20.73
N GLU B 216 -6.98 0.73 -20.41
CA GLU B 216 -7.42 0.62 -19.05
C GLU B 216 -7.81 -0.83 -18.78
N LEU B 217 -7.42 -1.35 -17.63
CA LEU B 217 -7.73 -2.73 -17.26
C LEU B 217 -9.22 -2.84 -16.96
N GLN B 218 -9.95 -3.68 -17.71
CA GLN B 218 -11.35 -3.90 -17.47
C GLN B 218 -11.61 -5.16 -16.67
N VAL B 219 -10.99 -6.30 -17.03
CA VAL B 219 -11.24 -7.57 -16.34
C VAL B 219 -9.95 -8.24 -15.97
N ILE B 220 -9.90 -8.86 -14.78
CA ILE B 220 -8.78 -9.68 -14.32
C ILE B 220 -9.34 -10.92 -13.63
N THR B 221 -8.92 -12.09 -14.10
CA THR B 221 -9.31 -13.35 -13.49
C THR B 221 -8.02 -14.02 -13.06
N LEU B 222 -7.90 -14.36 -11.78
CA LEU B 222 -6.66 -14.96 -11.26
C LEU B 222 -6.89 -16.20 -10.43
N ASP B 223 -6.23 -17.31 -10.79
CA ASP B 223 -6.20 -18.58 -10.07
C ASP B 223 -4.96 -18.65 -9.18
N TYR B 224 -5.11 -19.11 -7.93
CA TYR B 224 -4.06 -19.26 -6.93
C TYR B 224 -3.80 -20.77 -6.75
N ARG B 225 -2.64 -21.22 -7.19
CA ARG B 225 -2.29 -22.65 -7.15
C ARG B 225 -1.43 -23.01 -5.95
N ARG B 226 -0.50 -22.14 -5.63
CA ARG B 226 0.48 -22.38 -4.58
C ARG B 226 0.98 -21.03 -4.08
N GLU B 227 1.29 -20.93 -2.78
N GLU B 227 1.28 -20.93 -2.77
N GLU B 227 1.30 -20.95 -2.78
CA GLU B 227 1.78 -19.69 -2.20
CA GLU B 227 1.77 -19.68 -2.20
CA GLU B 227 1.80 -19.71 -2.18
C GLU B 227 3.26 -19.43 -2.51
C GLU B 227 3.26 -19.43 -2.47
C GLU B 227 3.26 -19.44 -2.54
N CYS B 228 3.66 -18.16 -2.52
CA CYS B 228 5.04 -17.77 -2.75
C CYS B 228 5.55 -17.47 -1.32
N GLN B 229 6.61 -18.16 -0.90
CA GLN B 229 7.18 -17.94 0.41
C GLN B 229 7.97 -16.61 0.42
N GLN B 230 8.32 -16.15 1.61
CA GLN B 230 9.05 -14.90 1.81
C GLN B 230 10.43 -14.95 1.11
N ASP B 231 11.08 -16.11 1.07
CA ASP B 231 12.39 -16.24 0.42
C ASP B 231 12.35 -16.87 -1.01
N ASP B 232 11.14 -16.89 -1.62
CA ASP B 232 10.97 -17.38 -2.98
C ASP B 232 11.16 -16.22 -3.99
N VAL B 233 11.51 -16.55 -5.23
CA VAL B 233 11.69 -15.58 -6.31
C VAL B 233 10.75 -16.00 -7.45
N VAL B 234 10.01 -15.05 -8.01
CA VAL B 234 8.98 -15.30 -9.02
C VAL B 234 9.32 -14.73 -10.40
N ASP B 235 8.89 -15.41 -11.46
CA ASP B 235 8.96 -14.95 -12.84
C ASP B 235 7.53 -14.77 -13.34
N SER B 236 7.23 -13.60 -13.92
CA SER B 236 5.91 -13.21 -14.46
C SER B 236 5.91 -13.28 -15.99
N LEU B 237 5.03 -14.08 -16.58
CA LEU B 237 5.00 -14.29 -18.03
C LEU B 237 3.64 -13.88 -18.62
N THR B 238 3.64 -13.25 -19.79
CA THR B 238 2.42 -12.80 -20.46
C THR B 238 2.52 -13.03 -21.97
N THR B 239 1.43 -13.51 -22.59
CA THR B 239 1.31 -13.65 -24.02
C THR B 239 -0.04 -13.07 -24.44
N THR B 240 -0.06 -12.24 -25.50
CA THR B 240 -1.32 -11.69 -26.01
C THR B 240 -2.11 -12.83 -26.63
N THR B 241 -3.39 -13.00 -26.28
CA THR B 241 -4.21 -14.06 -26.91
C THR B 241 -5.21 -13.51 -27.94
N SER B 242 -5.37 -12.19 -28.03
CA SER B 242 -6.29 -11.57 -28.98
C SER B 242 -5.67 -11.43 -30.40
N ASP B 260 -10.04 -4.16 -28.16
CA ASP B 260 -9.67 -4.72 -26.87
C ASP B 260 -8.42 -5.62 -26.97
N SER B 261 -7.68 -5.75 -25.88
CA SER B 261 -6.50 -6.61 -25.84
C SER B 261 -6.67 -7.62 -24.71
N GLN B 262 -6.47 -8.90 -25.00
CA GLN B 262 -6.55 -9.96 -24.00
C GLN B 262 -5.16 -10.55 -23.81
N PHE B 263 -4.85 -10.95 -22.59
CA PHE B 263 -3.57 -11.56 -22.29
C PHE B 263 -3.75 -12.81 -21.44
N LEU B 264 -2.86 -13.78 -21.65
CA LEU B 264 -2.76 -14.99 -20.83
C LEU B 264 -1.54 -14.77 -19.92
N HIS B 265 -1.66 -15.13 -18.64
CA HIS B 265 -0.61 -14.89 -17.66
C HIS B 265 -0.22 -16.14 -16.93
N LEU B 266 1.06 -16.20 -16.52
CA LEU B 266 1.59 -17.26 -15.70
C LEU B 266 2.65 -16.72 -14.70
N LEU B 267 2.50 -17.04 -13.41
CA LEU B 267 3.50 -16.74 -12.38
C LEU B 267 4.11 -18.08 -12.00
N ARG B 268 5.44 -18.21 -12.02
CA ARG B 268 6.10 -19.44 -11.64
C ARG B 268 7.39 -19.17 -10.85
N LEU B 269 7.86 -20.12 -10.04
CA LEU B 269 9.09 -19.94 -9.27
C LEU B 269 10.28 -19.84 -10.20
N SER B 270 11.11 -18.79 -10.05
CA SER B 270 12.24 -18.45 -10.93
C SER B 270 13.19 -19.61 -11.21
N GLY B 271 13.29 -20.51 -10.27
CA GLY B 271 14.17 -21.65 -10.41
C GLY B 271 13.59 -22.82 -11.14
N ASP B 272 12.90 -23.70 -10.40
CA ASP B 272 12.34 -24.93 -10.96
C ASP B 272 11.12 -24.73 -11.87
N GLY B 273 10.57 -23.53 -11.93
CA GLY B 273 9.42 -23.27 -12.79
C GLY B 273 8.11 -23.81 -12.25
N GLN B 274 8.02 -24.01 -10.93
CA GLN B 274 6.82 -24.47 -10.26
C GLN B 274 5.73 -23.38 -10.35
N GLU B 275 4.56 -23.71 -10.90
CA GLU B 275 3.43 -22.76 -11.05
C GLU B 275 2.83 -22.28 -9.71
N ILE B 276 2.68 -20.95 -9.57
CA ILE B 276 2.03 -20.39 -8.40
C ILE B 276 0.68 -19.77 -8.77
N ASN B 277 0.56 -19.18 -9.98
CA ASN B 277 -0.69 -18.57 -10.45
C ASN B 277 -0.81 -18.62 -11.97
N ARG B 278 -2.03 -18.62 -12.46
CA ARG B 278 -2.35 -18.44 -13.86
C ARG B 278 -3.57 -17.50 -13.94
N GLY B 279 -3.60 -16.65 -14.96
CA GLY B 279 -4.70 -15.70 -15.11
C GLY B 279 -4.88 -15.11 -16.48
N THR B 280 -5.90 -14.27 -16.62
CA THR B 280 -6.21 -13.56 -17.87
C THR B 280 -6.58 -12.14 -17.55
N THR B 281 -6.22 -11.22 -18.46
CA THR B 281 -6.63 -9.80 -18.34
C THR B 281 -7.29 -9.34 -19.64
N LEU B 282 -8.22 -8.41 -19.52
CA LEU B 282 -8.88 -7.80 -20.66
C LEU B 282 -8.69 -6.29 -20.52
N TRP B 283 -8.23 -5.61 -21.59
CA TRP B 283 -7.96 -4.17 -21.53
C TRP B 283 -8.71 -3.44 -22.63
N ARG B 284 -9.27 -2.25 -22.31
CA ARG B 284 -10.01 -1.41 -23.26
C ARG B 284 -9.15 -0.23 -23.69
N LYS B 285 -9.20 0.18 -24.97
CA LYS B 285 -8.44 1.34 -25.43
C LYS B 285 -9.02 2.59 -24.78
N LYS B 286 -8.17 3.46 -24.19
CA LYS B 286 -8.66 4.68 -23.54
C LYS B 286 -9.41 5.61 -24.52
C1 MOK C . 3.43 15.08 0.68
C2 MOK C . 4.42 14.25 1.41
C3 MOK C . 5.43 13.42 1.03
C4 MOK C . 5.82 13.06 -0.32
O5 MOK C . 5.54 13.79 -1.29
O6 MOK C . 6.48 12.03 -0.50
C7 MOK C . 5.96 12.93 2.29
N8 MOK C . 5.32 13.44 3.30
O9 MOK C . 4.38 14.34 2.74
C10 MOK C . 7.06 12.01 2.59
C11 MOK C . 6.82 10.81 3.24
C12 MOK C . 7.86 9.96 3.55
C13 MOK C . 9.14 10.26 3.17
C14 MOK C . 9.40 11.44 2.53
C15 MOK C . 8.36 12.31 2.22
S SO4 D . 5.85 21.95 2.10
O1 SO4 D . 6.72 21.81 3.29
O2 SO4 D . 5.38 23.34 1.99
O3 SO4 D . 6.65 21.53 0.92
O4 SO4 D . 4.65 21.12 2.31
C1 MOK E . -10.51 -10.99 2.95
C2 MOK E . -10.13 -10.99 1.52
C3 MOK E . -9.03 -11.38 0.83
C4 MOK E . -7.81 -11.96 1.37
O5 MOK E . -7.82 -12.56 2.46
O6 MOK E . -6.75 -11.85 0.70
C7 MOK E . -9.34 -11.04 -0.53
N8 MOK E . -10.52 -10.49 -0.63
O9 MOK E . -11.04 -10.48 0.68
C10 MOK E . -8.55 -11.19 -1.78
C11 MOK E . -8.25 -12.45 -2.27
C12 MOK E . -7.53 -12.59 -3.46
C13 MOK E . -7.15 -11.48 -4.17
C14 MOK E . -7.48 -10.22 -3.70
C15 MOK E . -8.18 -10.07 -2.52
S SO4 F . -15.66 -16.29 3.11
O1 SO4 F . -14.30 -16.87 3.15
O2 SO4 F . -15.66 -14.90 3.55
O3 SO4 F . -16.15 -16.32 1.72
O4 SO4 F . -16.54 -17.09 3.98
#